data_6DEP
#
_entry.id   6DEP
#
_cell.length_a   175.893
_cell.length_b   175.893
_cell.length_c   177.029
_cell.angle_alpha   90.00
_cell.angle_beta   90.00
_cell.angle_gamma   120.00
#
_symmetry.space_group_name_H-M   'P 62 2 2'
#
loop_
_entity.id
_entity.type
_entity.pdbx_description
1 polymer 'Acetolactate synthase'
2 non-polymer 'FLAVIN-ADENINE DINUCLEOTIDE'
3 non-polymer 'POTASSIUM ION'
4 non-polymer 'MAGNESIUM ION'
5 non-polymer 'METHYL 2-[({[(4,6-DIMETHYLPYRIMIDIN-2-YL)AMINO]CARBONYL}AMINO)SULFONYL]BENZOATE'
6 non-polymer '2-{3-[(4-AMINO-2-METHYLPYRIMIDIN-5-YL)METHYL]-4-METHYL-2-OXO-2,3-DIHYDRO-1,3-THIAZOL-5-YL}ETHYL TRIHYDROGEN DIPHOSPHATE'
7 non-polymer '(3Z)-4-{[(4-AMINO-2-METHYLPYRIMIDIN-5-YL)METHYL]AMINO}-3-MERCAPTOPENT-3-EN-1-YL TRIHYDROGEN DIPHOSPHATE'
8 water water
#
_entity_poly.entity_id   1
_entity_poly.type   'polypeptide(L)'
_entity_poly.pdbx_seq_one_letter_code
;MHHHHHHSSGLVPRGSGMKETAAAKFERQHMDSPDLGTDDDDKAMAFNTADTSTQPIINDPTLNKHQSSAISRKKKEQLM
DDSFIGLTGGEIFHEMMLRHKVDTVFGYAGGAILPVFDAIYNSDKFKFVLPRHEQGAGHMAEGYARASGKPGVVLVTSGP
GATNVITPMADALMDGVPLVVFSGQVPTTAIGTDAFQEADIVGISRSCTKWNVMVKNVAELPRRINEAFEIATTGRPGPV
LVDLPKDVTASILRESIPINTTLPSNALSQITKKAVSEFTSEAIKRAANILNKAKKPIIYAGAGILNNEQGPKLLKELAD
KANIPVTTTLQGLGAFDQRDPKSLDMLGMHGSAAANTAIQNADCIIALGARFDDRVTGNISKFAPEAKLAASEGRGGILH
FEISPKNINKVVEATEAIEGDVTANLQSFIPLVDSIENRPEWFNKINEWKKKYPYSYQLETPGSLIKPQTLIKEISDQAQ
TYNKEVIVTTGVGQHQMWAAQHFTWTQPRTMITSGGLGTMGYGLPAAIGAQVAKPDAIVIDIDGDASFNMTLTELSSAVQ
AGAPIKVCVLNNEEQGMVTQWQSLFYEHRYSHTHQSNPDFMKLAESMNVKGIRITNQQELKSGVKEFLDATEPVLLEVIV
EKKVPVLPMVPAGKALDDFILWDAEVEKQQNDLRKERTGGKY
;
_entity_poly.pdbx_strand_id   A
#
# COMPACT_ATOMS: atom_id res chain seq x y z
N LYS A 76 -3.78 43.33 17.89
CA LYS A 76 -2.53 42.89 17.27
C LYS A 76 -1.80 41.89 18.16
N GLU A 77 -1.72 42.20 19.45
CA GLU A 77 -1.09 41.31 20.42
C GLU A 77 -1.85 39.98 20.49
N GLN A 78 -3.14 40.04 20.22
CA GLN A 78 -4.00 38.86 20.20
C GLN A 78 -3.68 37.95 19.02
N LEU A 79 -3.18 38.54 17.93
CA LEU A 79 -2.93 37.79 16.71
C LEU A 79 -1.49 37.33 16.58
N MET A 80 -0.60 37.91 17.38
CA MET A 80 0.80 37.50 17.37
C MET A 80 1.12 36.61 18.57
N ASP A 81 2.12 35.75 18.40
CA ASP A 81 2.52 34.82 19.46
C ASP A 81 4.01 34.92 19.74
N ASP A 82 4.38 35.06 21.01
CA ASP A 82 5.78 35.19 21.39
C ASP A 82 6.25 34.00 22.23
N SER A 83 5.42 32.97 22.32
CA SER A 83 5.69 31.84 23.21
C SER A 83 6.84 30.97 22.72
N PHE A 84 7.21 31.09 21.44
CA PHE A 84 8.31 30.32 20.89
C PHE A 84 9.64 31.07 20.93
N ILE A 85 9.58 32.35 21.29
CA ILE A 85 10.78 33.18 21.36
C ILE A 85 11.75 32.61 22.39
N GLY A 86 13.02 32.42 21.98
CA GLY A 86 14.02 31.88 22.87
C GLY A 86 14.36 30.44 22.54
N LEU A 87 13.49 29.78 21.77
CA LEU A 87 13.69 28.39 21.38
C LEU A 87 14.53 28.29 20.11
N THR A 88 15.29 27.21 19.99
CA THR A 88 15.98 26.91 18.74
C THR A 88 14.98 26.35 17.74
N GLY A 89 15.37 26.32 16.47
CA GLY A 89 14.53 25.74 15.43
C GLY A 89 14.25 24.28 15.76
N GLY A 90 15.26 23.60 16.29
CA GLY A 90 15.10 22.22 16.70
C GLY A 90 14.04 22.06 17.77
N GLU A 91 14.06 22.94 18.77
CA GLU A 91 13.10 22.88 19.86
C GLU A 91 11.69 23.23 19.36
N ILE A 92 11.61 24.13 18.39
CA ILE A 92 10.34 24.49 17.78
C ILE A 92 9.80 23.31 16.98
N PHE A 93 10.68 22.58 16.32
CA PHE A 93 10.31 21.36 15.63
C PHE A 93 9.65 20.37 16.58
N HIS A 94 10.29 20.19 17.74
CA HIS A 94 9.81 19.26 18.75
C HIS A 94 8.41 19.64 19.22
N GLU A 95 8.20 20.92 19.51
CA GLU A 95 6.91 21.41 19.96
C GLU A 95 5.82 21.22 18.91
N MET A 96 6.16 21.43 17.65
CA MET A 96 5.17 21.31 16.56
C MET A 96 4.78 19.85 16.30
N MET A 97 5.71 18.93 16.56
CA MET A 97 5.39 17.51 16.47
C MET A 97 4.31 17.17 17.48
N LEU A 98 4.45 17.73 18.68
CA LEU A 98 3.51 17.49 19.76
CA LEU A 98 3.49 17.50 19.76
C LEU A 98 2.12 18.01 19.37
N ARG A 99 2.07 19.21 18.82
CA ARG A 99 0.82 19.86 18.45
C ARG A 99 0.14 19.17 17.26
N HIS A 100 0.92 18.41 16.49
CA HIS A 100 0.35 17.67 15.36
C HIS A 100 0.06 16.23 15.76
N LYS A 101 0.11 15.96 17.06
CA LYS A 101 -0.22 14.64 17.61
C LYS A 101 0.66 13.53 17.03
N VAL A 102 1.91 13.85 16.73
CA VAL A 102 2.87 12.86 16.28
C VAL A 102 3.31 12.02 17.46
N ASP A 103 3.13 10.71 17.39
CA ASP A 103 3.53 9.84 18.49
C ASP A 103 4.70 8.95 18.09
N THR A 104 5.10 9.01 16.83
CA THR A 104 6.19 8.18 16.34
C THR A 104 6.99 8.89 15.25
N VAL A 105 8.31 8.86 15.38
CA VAL A 105 9.19 9.39 14.35
C VAL A 105 10.19 8.31 13.91
N PHE A 106 10.33 8.14 12.62
CA PHE A 106 11.31 7.21 12.06
C PHE A 106 12.47 8.00 11.48
N GLY A 107 13.69 7.72 11.91
CA GLY A 107 14.81 8.50 11.42
C GLY A 107 16.21 8.02 11.74
N TYR A 108 17.19 8.78 11.27
CA TYR A 108 18.59 8.40 11.36
C TYR A 108 19.42 9.68 11.40
N ALA A 109 20.36 9.76 12.34
CA ALA A 109 21.08 11.02 12.58
C ALA A 109 22.18 11.30 11.58
N GLY A 110 22.73 12.51 11.67
CA GLY A 110 23.79 12.97 10.81
C GLY A 110 24.13 14.40 11.14
N GLY A 111 25.24 14.89 10.60
CA GLY A 111 25.75 16.22 10.94
C GLY A 111 24.76 17.37 10.80
N ALA A 112 24.10 17.46 9.65
CA ALA A 112 23.24 18.58 9.33
C ALA A 112 21.96 18.64 10.17
N ILE A 113 21.52 17.49 10.67
CA ILE A 113 20.24 17.40 11.38
C ILE A 113 20.45 17.31 12.89
N LEU A 114 21.70 17.42 13.32
CA LEU A 114 22.06 17.37 14.74
C LEU A 114 21.30 18.35 15.66
N PRO A 115 21.08 19.61 15.23
CA PRO A 115 20.34 20.50 16.14
C PRO A 115 18.93 20.00 16.45
N VAL A 116 18.32 19.29 15.51
CA VAL A 116 17.00 18.73 15.74
C VAL A 116 17.08 17.51 16.65
N PHE A 117 18.08 16.66 16.41
CA PHE A 117 18.27 15.49 17.25
C PHE A 117 18.63 15.86 18.68
N ASP A 118 19.33 16.96 18.86
CA ASP A 118 19.64 17.43 20.21
C ASP A 118 18.36 17.87 20.91
N ALA A 119 17.45 18.46 20.16
CA ALA A 119 16.21 18.96 20.71
C ALA A 119 15.27 17.83 21.14
N ILE A 120 15.29 16.73 20.40
CA ILE A 120 14.41 15.61 20.70
C ILE A 120 15.11 14.56 21.57
N TYR A 121 16.29 14.91 22.07
CA TYR A 121 17.06 14.01 22.93
C TYR A 121 16.28 13.61 24.17
N ASN A 122 16.12 12.30 24.35
CA ASN A 122 15.36 11.75 25.48
C ASN A 122 13.96 12.33 25.63
N SER A 123 13.29 12.59 24.50
CA SER A 123 11.92 13.03 24.54
C SER A 123 11.01 11.88 24.93
N ASP A 124 10.06 12.14 25.83
CA ASP A 124 9.09 11.13 26.23
C ASP A 124 7.75 11.40 25.57
N LYS A 125 7.76 12.31 24.60
CA LYS A 125 6.56 12.76 23.94
C LYS A 125 6.20 11.93 22.71
N PHE A 126 7.19 11.25 22.14
CA PHE A 126 6.93 10.31 21.04
C PHE A 126 7.99 9.20 21.03
N LYS A 127 7.67 8.11 20.34
CA LYS A 127 8.60 7.01 20.17
C LYS A 127 9.48 7.26 18.95
N PHE A 128 10.79 7.10 19.13
CA PHE A 128 11.70 7.22 18.00
C PHE A 128 12.11 5.83 17.55
N VAL A 129 12.02 5.59 16.24
CA VAL A 129 12.39 4.30 15.69
C VAL A 129 13.59 4.43 14.76
N LEU A 130 14.66 3.72 15.10
CA LEU A 130 15.91 3.79 14.36
C LEU A 130 16.05 2.58 13.43
N PRO A 131 16.15 2.84 12.12
CA PRO A 131 16.39 1.75 11.17
C PRO A 131 17.89 1.50 11.01
N ARG A 132 18.26 0.75 9.99
CA ARG A 132 19.67 0.56 9.66
C ARG A 132 20.00 1.35 8.41
N HIS A 133 18.96 1.76 7.69
CA HIS A 133 19.09 2.44 6.42
C HIS A 133 17.91 3.39 6.29
N GLU A 134 18.13 4.58 5.73
CA GLU A 134 17.05 5.57 5.63
C GLU A 134 15.89 5.11 4.76
N GLN A 135 16.15 4.23 3.80
CA GLN A 135 15.06 3.66 3.02
C GLN A 135 14.16 2.88 3.96
N GLY A 136 14.78 2.23 4.95
CA GLY A 136 14.05 1.51 5.97
C GLY A 136 13.11 2.45 6.72
N ALA A 137 13.65 3.60 7.14
CA ALA A 137 12.85 4.61 7.83
C ALA A 137 11.65 5.02 6.99
N GLY A 138 11.88 5.24 5.70
CA GLY A 138 10.83 5.66 4.79
C GLY A 138 9.72 4.63 4.66
N HIS A 139 10.09 3.37 4.43
CA HIS A 139 9.09 2.32 4.27
C HIS A 139 8.41 1.98 5.59
N MET A 140 9.14 2.11 6.70
CA MET A 140 8.53 1.95 8.02
C MET A 140 7.44 2.99 8.23
N ALA A 141 7.75 4.24 7.90
CA ALA A 141 6.80 5.33 8.05
C ALA A 141 5.59 5.12 7.17
N GLU A 142 5.80 4.52 6.00
CA GLU A 142 4.70 4.18 5.10
C GLU A 142 3.80 3.13 5.75
N GLY A 143 4.42 2.07 6.26
CA GLY A 143 3.70 1.00 6.93
C GLY A 143 2.93 1.55 8.12
N TYR A 144 3.58 2.43 8.87
CA TYR A 144 2.93 3.11 9.99
C TYR A 144 1.70 3.89 9.53
N ALA A 145 1.86 4.65 8.46
CA ALA A 145 0.81 5.51 7.96
C ALA A 145 -0.41 4.72 7.50
N ARG A 146 -0.17 3.60 6.84
CA ARG A 146 -1.24 2.81 6.25
C ARG A 146 -1.98 1.97 7.29
N ALA A 147 -1.27 1.60 8.36
CA ALA A 147 -1.88 0.87 9.45
C ALA A 147 -2.72 1.80 10.33
N SER A 148 -2.26 3.03 10.50
CA SER A 148 -2.83 3.95 11.49
C SER A 148 -3.77 5.00 10.92
N GLY A 149 -3.55 5.40 9.68
CA GLY A 149 -4.32 6.47 9.09
C GLY A 149 -3.75 7.83 9.45
N LYS A 150 -2.61 7.82 10.14
CA LYS A 150 -1.90 9.05 10.49
C LYS A 150 -0.73 9.25 9.52
N PRO A 151 -0.24 10.49 9.39
CA PRO A 151 0.96 10.68 8.57
C PRO A 151 2.19 10.01 9.20
N GLY A 152 3.02 9.42 8.36
CA GLY A 152 4.27 8.83 8.81
C GLY A 152 5.38 9.87 8.74
N VAL A 153 6.04 10.10 9.87
CA VAL A 153 7.04 11.16 9.95
C VAL A 153 8.47 10.62 9.88
N VAL A 154 9.24 11.15 8.95
CA VAL A 154 10.63 10.75 8.75
C VAL A 154 11.59 11.89 9.07
N LEU A 155 12.68 11.58 9.77
CA LEU A 155 13.67 12.59 10.14
C LEU A 155 15.08 12.13 9.78
N VAL A 156 15.65 12.69 8.71
CA VAL A 156 16.96 12.26 8.24
C VAL A 156 17.92 13.43 8.05
N THR A 157 19.18 13.11 7.80
CA THR A 157 20.20 14.14 7.61
C THR A 157 20.33 14.53 6.14
N SER A 158 21.27 15.43 5.86
CA SER A 158 21.47 15.93 4.51
C SER A 158 22.14 14.89 3.60
N GLY A 159 22.31 15.26 2.34
CA GLY A 159 23.02 14.44 1.38
C GLY A 159 22.47 13.04 1.19
N PRO A 160 23.27 12.03 1.53
CA PRO A 160 22.90 10.63 1.33
C PRO A 160 21.75 10.20 2.24
N GLY A 161 21.60 10.88 3.38
CA GLY A 161 20.49 10.61 4.27
C GLY A 161 19.18 10.93 3.57
N ALA A 162 19.18 12.03 2.83
CA ALA A 162 17.98 12.51 2.14
C ALA A 162 17.72 11.75 0.84
N THR A 163 18.78 11.51 0.05
CA THR A 163 18.60 10.82 -1.22
C THR A 163 18.17 9.37 -1.00
N ASN A 164 18.49 8.82 0.17
CA ASN A 164 18.09 7.45 0.51
C ASN A 164 16.59 7.26 0.76
N VAL A 165 15.86 8.36 0.88
N VAL A 165 15.84 8.34 0.92
CA VAL A 165 14.42 8.33 1.13
CA VAL A 165 14.41 8.21 1.11
C VAL A 165 13.62 8.55 -0.16
C VAL A 165 13.63 8.63 -0.14
N ILE A 166 14.34 8.71 -1.27
CA ILE A 166 13.70 9.02 -2.56
C ILE A 166 12.76 7.89 -3.01
N THR A 167 13.22 6.65 -2.93
CA THR A 167 12.36 5.51 -3.30
C THR A 167 11.10 5.43 -2.43
N PRO A 168 11.25 5.52 -1.08
CA PRO A 168 10.02 5.56 -0.29
C PRO A 168 9.08 6.74 -0.62
N MET A 169 9.63 7.89 -0.97
CA MET A 169 8.81 9.03 -1.34
C MET A 169 8.04 8.76 -2.64
N ALA A 170 8.74 8.25 -3.63
CA ALA A 170 8.11 7.88 -4.90
C ALA A 170 7.06 6.80 -4.67
N ASP A 171 7.38 5.88 -3.77
CA ASP A 171 6.46 4.81 -3.40
C ASP A 171 5.18 5.39 -2.80
N ALA A 172 5.35 6.31 -1.87
CA ALA A 172 4.22 6.91 -1.17
C ALA A 172 3.35 7.75 -2.10
N LEU A 173 3.98 8.39 -3.09
CA LEU A 173 3.24 9.18 -4.06
C LEU A 173 2.32 8.30 -4.90
N MET A 174 2.87 7.19 -5.40
CA MET A 174 2.14 6.27 -6.25
C MET A 174 0.98 5.60 -5.52
N ASP A 175 1.14 5.38 -4.21
CA ASP A 175 0.13 4.66 -3.44
C ASP A 175 -0.70 5.56 -2.52
N GLY A 176 -0.51 6.86 -2.64
CA GLY A 176 -1.32 7.81 -1.86
C GLY A 176 -1.10 7.70 -0.36
N VAL A 177 0.16 7.68 0.06
CA VAL A 177 0.49 7.53 1.47
C VAL A 177 0.98 8.84 2.08
N PRO A 178 0.35 9.28 3.17
CA PRO A 178 0.75 10.55 3.79
C PRO A 178 2.10 10.44 4.51
N LEU A 179 3.13 10.98 3.87
CA LEU A 179 4.48 10.87 4.39
C LEU A 179 5.07 12.27 4.55
N VAL A 180 5.52 12.60 5.76
CA VAL A 180 6.15 13.90 5.96
C VAL A 180 7.62 13.71 6.26
N VAL A 181 8.44 14.03 5.27
CA VAL A 181 9.88 13.82 5.38
C VAL A 181 10.61 15.10 5.76
N PHE A 182 11.29 15.07 6.90
CA PHE A 182 12.14 16.18 7.31
C PHE A 182 13.60 15.82 7.08
N SER A 183 14.26 16.58 6.22
CA SER A 183 15.65 16.30 5.89
C SER A 183 16.55 17.44 6.31
N GLY A 184 17.63 17.11 7.01
CA GLY A 184 18.64 18.08 7.35
C GLY A 184 19.27 18.63 6.07
N GLN A 185 19.83 19.82 6.16
CA GLN A 185 20.48 20.43 5.01
C GLN A 185 21.68 21.22 5.52
N VAL A 186 22.70 21.35 4.68
CA VAL A 186 23.86 22.17 5.02
C VAL A 186 23.42 23.60 5.33
N PRO A 187 24.22 24.36 6.09
CA PRO A 187 23.85 25.75 6.41
C PRO A 187 23.50 26.55 5.16
N THR A 188 22.63 27.55 5.31
CA THR A 188 22.22 28.37 4.17
C THR A 188 23.41 29.05 3.51
N THR A 189 24.44 29.33 4.29
CA THR A 189 25.66 29.95 3.79
C THR A 189 26.46 29.03 2.88
N ALA A 190 26.16 27.74 2.90
CA ALA A 190 26.94 26.76 2.14
C ALA A 190 26.14 26.18 0.98
N ILE A 191 24.86 26.50 0.89
CA ILE A 191 24.00 25.95 -0.15
C ILE A 191 24.40 26.47 -1.53
N GLY A 192 24.53 25.55 -2.49
CA GLY A 192 24.88 25.92 -3.85
C GLY A 192 26.37 26.01 -4.09
N THR A 193 27.16 25.44 -3.17
CA THR A 193 28.61 25.46 -3.30
C THR A 193 29.17 24.05 -3.48
N ASP A 194 28.28 23.09 -3.73
CA ASP A 194 28.64 21.67 -3.73
C ASP A 194 29.29 21.33 -2.40
N ALA A 195 28.62 21.73 -1.32
CA ALA A 195 29.16 21.59 0.03
C ALA A 195 29.21 20.14 0.47
N PHE A 196 29.89 19.90 1.59
CA PHE A 196 29.96 18.57 2.19
C PHE A 196 28.56 18.03 2.47
N GLN A 197 28.28 16.87 1.90
CA GLN A 197 26.98 16.20 2.06
C GLN A 197 25.82 17.09 1.64
N GLU A 198 26.03 17.90 0.61
CA GLU A 198 24.94 18.69 0.06
C GLU A 198 24.31 18.01 -1.15
N ALA A 199 23.02 17.74 -1.05
CA ALA A 199 22.24 17.30 -2.19
C ALA A 199 21.13 18.32 -2.46
N ASP A 200 20.80 18.52 -3.72
CA ASP A 200 19.66 19.34 -4.10
C ASP A 200 18.39 18.52 -3.93
N ILE A 201 18.03 18.23 -2.69
CA ILE A 201 16.93 17.31 -2.42
C ILE A 201 15.58 17.91 -2.81
N VAL A 202 15.47 19.22 -2.76
CA VAL A 202 14.24 19.89 -3.18
C VAL A 202 14.04 19.70 -4.68
N GLY A 203 15.13 19.80 -5.42
CA GLY A 203 15.10 19.57 -6.86
C GLY A 203 14.85 18.11 -7.17
N ILE A 204 15.58 17.22 -6.49
CA ILE A 204 15.49 15.79 -6.75
C ILE A 204 14.12 15.21 -6.37
N SER A 205 13.56 15.66 -5.25
CA SER A 205 12.32 15.09 -4.74
C SER A 205 11.07 15.76 -5.30
N ARG A 206 11.27 16.75 -6.17
CA ARG A 206 10.15 17.51 -6.72
C ARG A 206 9.12 16.62 -7.43
N SER A 207 9.61 15.68 -8.23
CA SER A 207 8.72 14.81 -9.01
C SER A 207 8.08 13.68 -8.18
N CYS A 208 8.61 13.43 -6.98
CA CYS A 208 8.03 12.37 -6.14
C CYS A 208 7.51 12.88 -4.80
N THR A 209 7.07 14.13 -4.77
CA THR A 209 6.35 14.68 -3.62
C THR A 209 5.16 15.52 -4.11
N LYS A 210 4.12 15.61 -3.28
CA LYS A 210 3.02 16.51 -3.58
C LYS A 210 3.51 17.94 -3.56
N TRP A 211 4.48 18.18 -2.68
CA TRP A 211 4.96 19.52 -2.38
C TRP A 211 6.23 19.40 -1.56
N ASN A 212 7.17 20.32 -1.77
CA ASN A 212 8.32 20.40 -0.88
C ASN A 212 8.76 21.85 -0.69
N VAL A 213 9.66 22.07 0.25
CA VAL A 213 10.07 23.40 0.61
C VAL A 213 11.38 23.35 1.37
N MET A 214 12.16 24.42 1.26
CA MET A 214 13.31 24.60 2.13
C MET A 214 13.06 25.76 3.07
N VAL A 215 13.07 25.48 4.37
CA VAL A 215 12.89 26.52 5.38
C VAL A 215 14.12 27.43 5.36
N LYS A 216 13.89 28.73 5.27
CA LYS A 216 15.00 29.67 5.10
C LYS A 216 15.29 30.49 6.36
N ASN A 217 14.36 30.47 7.30
CA ASN A 217 14.59 31.07 8.61
C ASN A 217 13.65 30.47 9.65
N VAL A 218 14.02 30.57 10.92
CA VAL A 218 13.32 29.85 11.99
C VAL A 218 11.90 30.40 12.23
N ALA A 219 11.68 31.66 11.87
CA ALA A 219 10.38 32.28 12.08
C ALA A 219 9.29 31.65 11.21
N GLU A 220 9.67 31.08 10.09
CA GLU A 220 8.70 30.49 9.17
C GLU A 220 8.61 28.97 9.33
N LEU A 221 9.39 28.43 10.27
CA LEU A 221 9.41 26.98 10.49
C LEU A 221 8.06 26.41 10.97
N PRO A 222 7.39 27.08 11.94
CA PRO A 222 6.08 26.53 12.31
C PRO A 222 5.08 26.52 11.15
N ARG A 223 5.10 27.56 10.32
CA ARG A 223 4.19 27.65 9.18
C ARG A 223 4.43 26.52 8.19
N ARG A 224 5.71 26.28 7.86
CA ARG A 224 6.06 25.25 6.89
C ARG A 224 5.69 23.85 7.38
N ILE A 225 5.82 23.62 8.68
CA ILE A 225 5.44 22.34 9.27
C ILE A 225 3.94 22.13 9.18
N ASN A 226 3.18 23.18 9.46
CA ASN A 226 1.72 23.14 9.30
C ASN A 226 1.31 22.83 7.87
N GLU A 227 1.92 23.53 6.93
CA GLU A 227 1.61 23.35 5.51
C GLU A 227 1.95 21.94 5.04
N ALA A 228 3.06 21.41 5.54
CA ALA A 228 3.50 20.06 5.18
C ALA A 228 2.48 19.02 5.60
N PHE A 229 2.07 19.06 6.87
CA PHE A 229 1.10 18.11 7.39
C PHE A 229 -0.27 18.25 6.71
N GLU A 230 -0.66 19.49 6.43
CA GLU A 230 -1.95 19.74 5.78
C GLU A 230 -1.98 19.16 4.36
N ILE A 231 -0.94 19.46 3.58
CA ILE A 231 -0.88 19.00 2.20
C ILE A 231 -0.76 17.48 2.13
N ALA A 232 0.01 16.90 3.04
CA ALA A 232 0.23 15.46 3.06
C ALA A 232 -1.06 14.68 3.34
N THR A 233 -1.97 15.26 4.11
CA THR A 233 -3.14 14.52 4.58
C THR A 233 -4.47 14.92 3.92
N THR A 234 -4.45 15.92 3.06
CA THR A 234 -5.66 16.35 2.36
C THR A 234 -5.61 16.01 0.88
N GLY A 235 -6.77 16.11 0.22
CA GLY A 235 -6.90 15.65 -1.16
C GLY A 235 -6.54 14.19 -1.20
N ARG A 236 -5.86 13.76 -2.26
CA ARG A 236 -5.23 12.45 -2.22
C ARG A 236 -3.99 12.57 -1.36
N PRO A 237 -3.91 11.80 -0.28
CA PRO A 237 -2.75 11.85 0.60
C PRO A 237 -1.46 11.51 -0.16
N GLY A 238 -0.34 12.05 0.28
CA GLY A 238 0.92 11.81 -0.40
C GLY A 238 2.08 12.36 0.39
N PRO A 239 3.30 12.13 -0.10
CA PRO A 239 4.51 12.56 0.60
C PRO A 239 4.83 14.03 0.37
N VAL A 240 5.38 14.67 1.41
CA VAL A 240 5.92 16.01 1.30
C VAL A 240 7.31 16.03 1.94
N LEU A 241 8.17 16.93 1.51
CA LEU A 241 9.50 17.03 2.11
C LEU A 241 9.77 18.45 2.59
N VAL A 242 10.33 18.56 3.79
CA VAL A 242 10.71 19.85 4.34
C VAL A 242 12.21 19.86 4.62
N ASP A 243 12.92 20.72 3.90
CA ASP A 243 14.38 20.79 3.99
C ASP A 243 14.79 21.74 5.13
N LEU A 244 15.65 21.26 6.02
CA LEU A 244 15.99 22.02 7.21
C LEU A 244 17.48 22.35 7.31
N PRO A 245 17.88 23.54 6.83
CA PRO A 245 19.26 23.99 6.95
C PRO A 245 19.74 23.99 8.39
N LYS A 246 20.96 23.52 8.61
CA LYS A 246 21.49 23.37 9.95
CA LYS A 246 21.53 23.38 9.95
C LYS A 246 21.52 24.68 10.74
N ASP A 247 21.83 25.78 10.06
CA ASP A 247 21.90 27.06 10.77
C ASP A 247 20.52 27.58 11.14
N VAL A 248 19.49 27.14 10.42
CA VAL A 248 18.12 27.51 10.75
C VAL A 248 17.65 26.77 12.01
N THR A 249 17.90 25.46 12.06
CA THR A 249 17.46 24.65 13.19
C THR A 249 18.28 24.93 14.45
N ALA A 250 19.48 25.48 14.26
CA ALA A 250 20.34 25.82 15.38
C ALA A 250 20.04 27.23 15.88
N SER A 251 19.51 28.07 14.99
CA SER A 251 19.21 29.46 15.33
C SER A 251 18.05 29.57 16.30
N ILE A 252 18.00 30.69 17.01
CA ILE A 252 16.97 30.92 18.02
C ILE A 252 15.98 31.98 17.55
N LEU A 253 14.69 31.70 17.72
CA LEU A 253 13.63 32.64 17.36
C LEU A 253 13.68 33.89 18.25
N ARG A 254 13.87 35.05 17.63
CA ARG A 254 14.01 36.30 18.37
C ARG A 254 12.80 37.23 18.17
N GLU A 255 11.78 36.75 17.47
CA GLU A 255 10.64 37.60 17.15
C GLU A 255 9.31 36.87 17.21
N SER A 256 8.25 37.63 17.45
CA SER A 256 6.90 37.08 17.50
CA SER A 256 6.91 37.07 17.49
C SER A 256 6.45 36.64 16.10
N ILE A 257 5.61 35.62 16.05
CA ILE A 257 5.11 35.10 14.79
C ILE A 257 3.59 35.01 14.84
N PRO A 258 2.92 35.07 13.67
CA PRO A 258 1.45 34.99 13.66
C PRO A 258 0.94 33.75 14.36
N ILE A 259 0.02 33.92 15.31
CA ILE A 259 -0.42 32.82 16.18
C ILE A 259 -1.12 31.71 15.40
N ASN A 260 -1.58 32.03 14.19
N ASN A 260 -1.56 32.02 14.18
CA ASN A 260 -2.19 31.02 13.33
CA ASN A 260 -2.21 31.03 13.34
C ASN A 260 -1.19 29.98 12.85
C ASN A 260 -1.21 30.02 12.78
N THR A 261 0.07 30.40 12.75
CA THR A 261 1.13 29.53 12.27
C THR A 261 1.66 28.60 13.37
N THR A 262 1.28 28.88 14.61
CA THR A 262 1.72 28.03 15.72
C THR A 262 0.69 26.95 16.01
N LEU A 263 -0.38 26.92 15.22
CA LEU A 263 -1.45 25.95 15.41
C LEU A 263 -1.77 25.19 14.13
N PRO A 264 -1.96 23.87 14.25
CA PRO A 264 -2.46 23.07 13.13
C PRO A 264 -3.90 23.45 12.79
N SER A 265 -4.41 22.96 11.66
CA SER A 265 -5.79 23.26 11.27
C SER A 265 -6.79 22.75 12.30
N ALA A 275 -19.32 22.63 3.05
CA ALA A 275 -20.56 22.40 2.33
C ALA A 275 -20.27 21.89 0.92
N VAL A 276 -21.15 21.03 0.43
CA VAL A 276 -21.00 20.46 -0.92
C VAL A 276 -21.46 21.47 -1.96
N SER A 277 -20.72 21.57 -3.05
CA SER A 277 -21.03 22.53 -4.11
C SER A 277 -22.31 22.15 -4.83
N GLU A 278 -22.99 23.18 -5.37
CA GLU A 278 -24.18 22.98 -6.18
C GLU A 278 -23.92 22.02 -7.34
N PHE A 279 -22.75 22.17 -7.96
CA PHE A 279 -22.36 21.37 -9.11
C PHE A 279 -22.25 19.89 -8.77
N THR A 280 -21.62 19.59 -7.63
CA THR A 280 -21.44 18.20 -7.20
C THR A 280 -22.77 17.59 -6.75
N SER A 281 -23.59 18.40 -6.09
CA SER A 281 -24.89 17.95 -5.62
C SER A 281 -25.78 17.48 -6.78
N GLU A 282 -25.70 18.21 -7.89
CA GLU A 282 -26.45 17.84 -9.08
C GLU A 282 -25.88 16.59 -9.73
N ALA A 283 -24.55 16.46 -9.71
CA ALA A 283 -23.88 15.28 -10.23
C ALA A 283 -24.32 14.03 -9.48
N ILE A 284 -24.43 14.16 -8.16
CA ILE A 284 -24.85 13.06 -7.31
C ILE A 284 -26.28 12.62 -7.63
N LYS A 285 -27.19 13.59 -7.79
CA LYS A 285 -28.57 13.30 -8.14
C LYS A 285 -28.66 12.59 -9.49
N ARG A 286 -27.87 13.06 -10.45
CA ARG A 286 -27.84 12.46 -11.77
C ARG A 286 -27.26 11.04 -11.71
N ALA A 287 -26.25 10.86 -10.87
CA ALA A 287 -25.62 9.56 -10.70
C ALA A 287 -26.59 8.55 -10.08
N ALA A 288 -27.40 9.03 -9.14
CA ALA A 288 -28.40 8.20 -8.49
C ALA A 288 -29.44 7.71 -9.48
N ASN A 289 -29.91 8.63 -10.32
CA ASN A 289 -30.88 8.30 -11.37
C ASN A 289 -30.34 7.25 -12.33
N ILE A 290 -29.05 7.36 -12.67
CA ILE A 290 -28.41 6.39 -13.55
C ILE A 290 -28.36 5.01 -12.92
N LEU A 291 -27.96 4.94 -11.66
CA LEU A 291 -27.88 3.68 -10.94
C LEU A 291 -29.26 3.04 -10.77
N ASN A 292 -30.28 3.88 -10.55
CA ASN A 292 -31.65 3.38 -10.39
C ASN A 292 -32.21 2.76 -11.67
N LYS A 293 -31.52 2.95 -12.78
CA LYS A 293 -31.91 2.33 -14.05
C LYS A 293 -31.15 1.03 -14.30
N ALA A 294 -30.01 0.87 -13.62
CA ALA A 294 -29.10 -0.24 -13.90
C ALA A 294 -29.70 -1.61 -13.62
N LYS A 295 -29.38 -2.56 -14.49
CA LYS A 295 -29.83 -3.94 -14.34
C LYS A 295 -28.65 -4.83 -13.95
N LYS A 296 -27.44 -4.36 -14.23
CA LYS A 296 -26.24 -5.12 -13.92
C LYS A 296 -25.16 -4.24 -13.30
N PRO A 297 -25.44 -3.70 -12.09
CA PRO A 297 -24.47 -2.81 -11.47
C PRO A 297 -23.32 -3.55 -10.83
N ILE A 298 -22.18 -2.88 -10.68
CA ILE A 298 -21.06 -3.45 -9.95
C ILE A 298 -20.31 -2.31 -9.26
N ILE A 299 -19.86 -2.57 -8.03
CA ILE A 299 -19.05 -1.60 -7.32
C ILE A 299 -17.57 -1.94 -7.48
N TYR A 300 -16.79 -0.93 -7.90
CA TYR A 300 -15.37 -1.07 -8.09
C TYR A 300 -14.67 -0.17 -7.07
N ALA A 301 -14.28 -0.77 -5.95
CA ALA A 301 -13.84 -0.02 -4.77
C ALA A 301 -12.33 -0.10 -4.57
N GLY A 302 -11.73 1.02 -4.19
CA GLY A 302 -10.29 1.08 -4.00
C GLY A 302 -9.85 1.73 -2.70
N ALA A 303 -8.59 2.15 -2.67
CA ALA A 303 -7.95 2.66 -1.46
C ALA A 303 -8.65 3.88 -0.87
N GLY A 304 -9.31 4.66 -1.73
CA GLY A 304 -9.98 5.88 -1.30
C GLY A 304 -11.04 5.67 -0.24
N ILE A 305 -11.71 4.53 -0.30
CA ILE A 305 -12.76 4.23 0.66
CA ILE A 305 -12.76 4.16 0.65
C ILE A 305 -12.16 4.01 2.06
N LEU A 306 -10.88 3.67 2.12
CA LEU A 306 -10.20 3.44 3.39
C LEU A 306 -9.75 4.73 4.09
N ASN A 307 -9.88 5.86 3.41
CA ASN A 307 -9.39 7.13 3.96
C ASN A 307 -10.45 7.85 4.78
N ASN A 308 -11.51 7.14 5.14
CA ASN A 308 -12.50 7.61 6.10
C ASN A 308 -12.98 6.41 6.91
N GLU A 309 -13.11 6.59 8.21
CA GLU A 309 -13.47 5.50 9.11
C GLU A 309 -14.83 4.90 8.75
N GLN A 310 -15.73 5.73 8.25
CA GLN A 310 -17.07 5.28 7.87
C GLN A 310 -17.11 4.70 6.45
N GLY A 311 -15.98 4.77 5.77
CA GLY A 311 -15.86 4.28 4.40
C GLY A 311 -16.45 2.91 4.14
N PRO A 312 -15.85 1.86 4.71
CA PRO A 312 -16.34 0.49 4.58
C PRO A 312 -17.80 0.33 4.99
N LYS A 313 -18.23 1.05 6.02
CA LYS A 313 -19.60 0.99 6.49
C LYS A 313 -20.58 1.45 5.41
N LEU A 314 -20.27 2.57 4.78
CA LEU A 314 -21.14 3.13 3.75
C LEU A 314 -21.07 2.36 2.45
N LEU A 315 -19.90 1.80 2.15
CA LEU A 315 -19.75 0.91 1.00
C LEU A 315 -20.70 -0.27 1.14
N LYS A 316 -20.72 -0.86 2.34
CA LYS A 316 -21.59 -1.99 2.63
C LYS A 316 -23.07 -1.58 2.56
N GLU A 317 -23.38 -0.39 3.05
CA GLU A 317 -24.74 0.10 3.07
C GLU A 317 -25.29 0.28 1.65
N LEU A 318 -24.45 0.82 0.76
CA LEU A 318 -24.82 0.98 -0.64
C LEU A 318 -25.03 -0.36 -1.31
N ALA A 319 -24.07 -1.27 -1.13
CA ALA A 319 -24.13 -2.60 -1.73
C ALA A 319 -25.37 -3.36 -1.27
N ASP A 320 -25.69 -3.25 0.02
CA ASP A 320 -26.87 -3.91 0.57
C ASP A 320 -28.16 -3.30 0.04
N LYS A 321 -28.23 -1.97 0.02
CA LYS A 321 -29.47 -1.29 -0.34
C LYS A 321 -29.87 -1.54 -1.79
N ALA A 322 -28.91 -1.36 -2.70
CA ALA A 322 -29.21 -1.50 -4.13
C ALA A 322 -28.87 -2.89 -4.65
N ASN A 323 -28.44 -3.77 -3.75
CA ASN A 323 -28.11 -5.16 -4.08
C ASN A 323 -27.04 -5.22 -5.18
N ILE A 324 -25.82 -4.82 -4.83
CA ILE A 324 -24.73 -4.70 -5.80
C ILE A 324 -23.51 -5.53 -5.42
N PRO A 325 -23.01 -6.35 -6.35
CA PRO A 325 -21.76 -7.09 -6.15
C PRO A 325 -20.58 -6.15 -6.02
N VAL A 326 -19.58 -6.52 -5.22
CA VAL A 326 -18.45 -5.64 -4.96
C VAL A 326 -17.11 -6.30 -5.28
N THR A 327 -16.33 -5.65 -6.14
CA THR A 327 -14.95 -6.06 -6.38
C THR A 327 -14.03 -4.93 -5.92
N THR A 328 -12.82 -5.29 -5.47
CA THR A 328 -11.87 -4.28 -5.03
C THR A 328 -10.54 -4.40 -5.75
N THR A 329 -9.75 -3.33 -5.67
CA THR A 329 -8.38 -3.37 -6.15
C THR A 329 -7.51 -4.08 -5.13
N LEU A 330 -6.23 -4.24 -5.46
CA LEU A 330 -5.24 -4.72 -4.52
C LEU A 330 -5.20 -3.85 -3.27
N GLN A 331 -5.24 -2.54 -3.48
CA GLN A 331 -5.14 -1.58 -2.39
C GLN A 331 -6.45 -1.40 -1.64
N GLY A 332 -7.53 -1.95 -2.19
CA GLY A 332 -8.83 -1.85 -1.57
C GLY A 332 -9.20 -3.10 -0.78
N LEU A 333 -8.32 -4.09 -0.80
CA LEU A 333 -8.57 -5.34 -0.09
C LEU A 333 -8.82 -5.10 1.39
N GLY A 334 -9.93 -5.61 1.90
CA GLY A 334 -10.31 -5.44 3.29
C GLY A 334 -11.40 -4.40 3.46
N ALA A 335 -11.64 -3.61 2.42
CA ALA A 335 -12.68 -2.60 2.47
C ALA A 335 -14.06 -3.25 2.48
N PHE A 336 -14.13 -4.44 1.90
CA PHE A 336 -15.38 -5.19 1.85
C PHE A 336 -15.15 -6.61 2.36
N ASP A 337 -16.05 -7.09 3.20
CA ASP A 337 -15.93 -8.43 3.78
C ASP A 337 -16.06 -9.48 2.68
N GLN A 338 -14.96 -10.16 2.37
CA GLN A 338 -14.93 -11.11 1.27
C GLN A 338 -15.74 -12.38 1.53
N ARG A 339 -16.23 -12.53 2.76
CA ARG A 339 -17.09 -13.65 3.10
C ARG A 339 -18.54 -13.38 2.69
N ASP A 340 -18.83 -12.11 2.40
CA ASP A 340 -20.15 -11.72 1.91
C ASP A 340 -20.38 -12.33 0.53
N PRO A 341 -21.60 -12.85 0.30
CA PRO A 341 -21.96 -13.41 -1.01
C PRO A 341 -21.82 -12.40 -2.16
N LYS A 342 -21.93 -11.11 -1.86
CA LYS A 342 -21.80 -10.08 -2.88
C LYS A 342 -20.35 -9.84 -3.29
N SER A 343 -19.40 -10.44 -2.58
CA SER A 343 -17.99 -10.22 -2.86
C SER A 343 -17.54 -10.92 -4.14
N LEU A 344 -16.93 -10.16 -5.04
CA LEU A 344 -16.39 -10.70 -6.29
C LEU A 344 -14.87 -10.84 -6.21
N ASP A 345 -14.32 -10.56 -5.04
CA ASP A 345 -12.87 -10.62 -4.80
C ASP A 345 -12.14 -9.53 -5.59
N MET A 346 -10.84 -9.72 -5.80
CA MET A 346 -10.01 -8.73 -6.48
C MET A 346 -10.15 -8.82 -8.00
N LEU A 347 -10.11 -7.67 -8.67
CA LEU A 347 -10.13 -7.64 -10.13
C LEU A 347 -8.75 -7.28 -10.66
N GLY A 348 -8.53 -7.47 -11.95
CA GLY A 348 -7.30 -7.03 -12.58
C GLY A 348 -6.46 -8.12 -13.21
N MET A 349 -5.22 -7.76 -13.56
CA MET A 349 -4.27 -8.64 -14.22
C MET A 349 -4.16 -10.02 -13.57
N HIS A 350 -4.12 -10.05 -12.24
CA HIS A 350 -4.04 -11.30 -11.51
C HIS A 350 -5.24 -11.46 -10.58
N GLY A 351 -6.30 -10.74 -10.87
CA GLY A 351 -7.52 -10.83 -10.07
C GLY A 351 -8.42 -11.97 -10.51
N SER A 352 -9.54 -12.12 -9.83
CA SER A 352 -10.50 -13.17 -10.16
C SER A 352 -11.09 -13.00 -11.54
N ALA A 353 -11.17 -14.11 -12.28
CA ALA A 353 -11.77 -14.09 -13.61
C ALA A 353 -13.27 -13.84 -13.51
N ALA A 354 -13.83 -14.11 -12.34
CA ALA A 354 -15.24 -13.80 -12.08
C ALA A 354 -15.45 -12.30 -11.98
N ALA A 355 -14.55 -11.64 -11.24
CA ALA A 355 -14.59 -10.20 -11.10
C ALA A 355 -14.36 -9.51 -12.44
N ASN A 356 -13.34 -9.97 -13.16
CA ASN A 356 -13.01 -9.42 -14.47
C ASN A 356 -14.15 -9.59 -15.47
N THR A 357 -14.81 -10.74 -15.43
CA THR A 357 -15.94 -11.00 -16.30
C THR A 357 -17.12 -10.09 -15.95
N ALA A 358 -17.35 -9.91 -14.66
CA ALA A 358 -18.46 -9.10 -14.17
C ALA A 358 -18.34 -7.63 -14.58
N ILE A 359 -17.15 -7.07 -14.41
CA ILE A 359 -16.96 -5.67 -14.75
CA ILE A 359 -16.83 -5.69 -14.78
C ILE A 359 -17.05 -5.45 -16.27
N GLN A 360 -16.65 -6.44 -17.06
CA GLN A 360 -16.74 -6.33 -18.52
C GLN A 360 -18.17 -6.45 -19.02
N ASN A 361 -19.06 -6.96 -18.17
CA ASN A 361 -20.46 -7.15 -18.56
C ASN A 361 -21.43 -6.23 -17.83
N ALA A 362 -20.94 -5.47 -16.87
CA ALA A 362 -21.80 -4.58 -16.09
C ALA A 362 -22.28 -3.39 -16.92
N ASP A 363 -23.51 -2.93 -16.66
CA ASP A 363 -24.02 -1.77 -17.38
C ASP A 363 -23.85 -0.50 -16.56
N CYS A 364 -23.51 -0.66 -15.28
CA CYS A 364 -23.20 0.50 -14.43
C CYS A 364 -22.05 0.17 -13.49
N ILE A 365 -20.98 0.96 -13.59
CA ILE A 365 -19.82 0.77 -12.73
C ILE A 365 -19.67 1.91 -11.75
N ILE A 366 -19.73 1.59 -10.45
CA ILE A 366 -19.58 2.59 -9.41
C ILE A 366 -18.17 2.56 -8.85
N ALA A 367 -17.34 3.49 -9.31
CA ALA A 367 -15.94 3.55 -8.91
C ALA A 367 -15.76 4.35 -7.63
N LEU A 368 -15.38 3.67 -6.55
CA LEU A 368 -15.27 4.30 -5.25
C LEU A 368 -13.82 4.35 -4.77
N GLY A 369 -13.19 5.51 -4.94
CA GLY A 369 -11.82 5.72 -4.50
C GLY A 369 -10.83 4.79 -5.17
N ALA A 370 -10.93 4.68 -6.49
CA ALA A 370 -10.01 3.86 -7.28
C ALA A 370 -9.67 4.59 -8.58
N ARG A 371 -8.45 4.41 -9.07
CA ARG A 371 -7.96 5.28 -10.13
C ARG A 371 -7.77 4.64 -11.51
N PHE A 372 -8.40 3.49 -11.74
CA PHE A 372 -8.34 2.82 -13.05
C PHE A 372 -6.91 2.60 -13.53
N ASP A 373 -6.07 2.09 -12.64
CA ASP A 373 -4.68 1.78 -12.93
CA ASP A 373 -4.67 1.86 -13.00
C ASP A 373 -4.56 0.75 -14.06
N ASP A 374 -3.42 0.71 -14.74
CA ASP A 374 -3.28 -0.19 -15.88
C ASP A 374 -3.12 -1.67 -15.50
N ARG A 375 -2.94 -1.95 -14.22
CA ARG A 375 -2.93 -3.34 -13.76
C ARG A 375 -4.36 -3.84 -13.62
N VAL A 376 -5.32 -2.92 -13.61
CA VAL A 376 -6.72 -3.24 -13.33
C VAL A 376 -7.59 -3.27 -14.58
N THR A 377 -7.36 -2.33 -15.50
CA THR A 377 -8.25 -2.12 -16.63
C THR A 377 -8.06 -3.12 -17.77
N GLY A 378 -6.87 -3.70 -17.87
CA GLY A 378 -6.52 -4.47 -19.05
C GLY A 378 -6.41 -3.51 -20.23
N ASN A 379 -6.58 -4.02 -21.44
CA ASN A 379 -6.61 -3.16 -22.63
C ASN A 379 -7.69 -2.08 -22.47
N ILE A 380 -7.25 -0.83 -22.38
CA ILE A 380 -8.14 0.28 -22.06
C ILE A 380 -9.27 0.48 -23.08
N SER A 381 -8.96 0.34 -24.36
CA SER A 381 -9.96 0.53 -25.41
C SER A 381 -11.01 -0.58 -25.38
N LYS A 382 -10.68 -1.69 -24.72
CA LYS A 382 -11.60 -2.84 -24.64
C LYS A 382 -12.20 -2.98 -23.25
N PHE A 383 -11.93 -2.01 -22.39
CA PHE A 383 -12.40 -2.03 -21.02
C PHE A 383 -13.86 -1.62 -20.89
N ALA A 384 -14.60 -2.33 -20.06
CA ALA A 384 -16.00 -2.04 -19.73
C ALA A 384 -16.89 -1.75 -20.95
N PRO A 385 -17.00 -2.72 -21.88
CA PRO A 385 -17.80 -2.49 -23.09
C PRO A 385 -19.27 -2.23 -22.81
N GLU A 386 -19.83 -2.97 -21.85
CA GLU A 386 -21.26 -2.87 -21.55
C GLU A 386 -21.62 -1.56 -20.85
N ALA A 387 -20.70 -1.06 -20.03
CA ALA A 387 -20.94 0.21 -19.33
C ALA A 387 -20.87 1.39 -20.30
N LYS A 388 -19.98 1.29 -21.28
CA LYS A 388 -19.85 2.33 -22.30
C LYS A 388 -21.07 2.34 -23.23
N LEU A 389 -21.57 1.16 -23.56
CA LEU A 389 -22.78 1.05 -24.36
C LEU A 389 -23.97 1.62 -23.61
N ALA A 390 -24.08 1.26 -22.33
CA ALA A 390 -25.17 1.74 -21.48
C ALA A 390 -25.16 3.26 -21.37
N ALA A 391 -23.97 3.84 -21.23
CA ALA A 391 -23.80 5.28 -21.17
C ALA A 391 -24.32 5.95 -22.43
N SER A 392 -23.92 5.41 -23.58
CA SER A 392 -24.36 5.94 -24.87
C SER A 392 -25.86 5.83 -25.07
N GLU A 393 -26.48 4.83 -24.45
CA GLU A 393 -27.92 4.64 -24.57
C GLU A 393 -28.68 5.25 -23.40
N GLY A 394 -27.95 5.97 -22.53
CA GLY A 394 -28.56 6.67 -21.43
C GLY A 394 -29.22 5.79 -20.39
N ARG A 395 -28.62 4.64 -20.11
CA ARG A 395 -29.17 3.70 -19.15
C ARG A 395 -28.08 3.10 -18.25
N GLY A 396 -26.96 3.79 -18.15
CA GLY A 396 -25.87 3.33 -17.30
C GLY A 396 -24.59 4.12 -17.48
N GLY A 397 -23.45 3.45 -17.30
CA GLY A 397 -22.16 4.07 -17.49
C GLY A 397 -21.25 3.96 -16.29
N ILE A 398 -20.33 4.91 -16.17
CA ILE A 398 -19.35 4.89 -15.09
C ILE A 398 -19.54 6.07 -14.15
N LEU A 399 -19.76 5.77 -12.88
CA LEU A 399 -19.95 6.79 -11.85
C LEU A 399 -18.71 6.87 -10.98
N HIS A 400 -17.93 7.93 -11.13
CA HIS A 400 -16.61 8.00 -10.50
C HIS A 400 -16.58 8.94 -9.29
N PHE A 401 -16.47 8.35 -8.10
CA PHE A 401 -16.31 9.09 -6.87
C PHE A 401 -14.83 9.28 -6.59
N GLU A 402 -14.31 10.48 -6.85
CA GLU A 402 -12.88 10.73 -6.82
C GLU A 402 -12.54 12.09 -6.19
N ILE A 403 -11.53 12.12 -5.33
CA ILE A 403 -11.18 13.34 -4.61
C ILE A 403 -10.21 14.23 -5.38
N SER A 404 -9.43 13.63 -6.26
CA SER A 404 -8.41 14.36 -7.02
C SER A 404 -8.84 14.57 -8.47
N PRO A 405 -9.04 15.83 -8.87
CA PRO A 405 -9.46 16.17 -10.24
C PRO A 405 -8.53 15.61 -11.32
N LYS A 406 -7.26 15.45 -10.98
CA LYS A 406 -6.26 14.93 -11.92
C LYS A 406 -6.59 13.50 -12.36
N ASN A 407 -7.23 12.75 -11.48
CA ASN A 407 -7.54 11.35 -11.76
C ASN A 407 -8.96 11.14 -12.27
N ILE A 408 -9.69 12.24 -12.44
CA ILE A 408 -11.01 12.19 -13.06
C ILE A 408 -10.85 12.35 -14.57
N ASN A 409 -11.42 11.40 -15.33
CA ASN A 409 -11.32 11.39 -16.78
C ASN A 409 -9.88 11.31 -17.28
N LYS A 410 -9.01 10.71 -16.48
CA LYS A 410 -7.61 10.55 -16.86
C LYS A 410 -7.43 9.34 -17.76
N VAL A 411 -8.10 8.24 -17.41
CA VAL A 411 -7.93 6.97 -18.09
C VAL A 411 -9.17 6.64 -18.89
N VAL A 412 -10.32 6.66 -18.23
CA VAL A 412 -11.60 6.42 -18.88
C VAL A 412 -12.55 7.58 -18.62
N GLU A 413 -13.45 7.84 -19.56
CA GLU A 413 -14.42 8.91 -19.39
C GLU A 413 -15.48 8.52 -18.38
N ALA A 414 -15.65 9.34 -17.35
CA ALA A 414 -16.70 9.14 -16.37
C ALA A 414 -18.02 9.64 -16.92
N THR A 415 -19.08 8.87 -16.72
CA THR A 415 -20.42 9.30 -17.12
C THR A 415 -20.87 10.41 -16.18
N GLU A 416 -20.61 10.21 -14.89
CA GLU A 416 -20.77 11.26 -13.90
C GLU A 416 -19.56 11.25 -12.98
N ALA A 417 -18.95 12.42 -12.81
CA ALA A 417 -17.83 12.56 -11.88
C ALA A 417 -18.31 13.21 -10.59
N ILE A 418 -18.11 12.53 -9.48
CA ILE A 418 -18.48 13.08 -8.18
C ILE A 418 -17.22 13.42 -7.41
N GLU A 419 -16.89 14.70 -7.37
CA GLU A 419 -15.62 15.17 -6.81
C GLU A 419 -15.70 15.38 -5.30
N GLY A 420 -14.66 14.97 -4.60
CA GLY A 420 -14.60 15.10 -3.17
C GLY A 420 -14.35 13.77 -2.47
N ASP A 421 -14.40 13.78 -1.15
CA ASP A 421 -14.25 12.56 -0.36
C ASP A 421 -15.39 11.60 -0.66
N VAL A 422 -15.05 10.37 -1.06
CA VAL A 422 -16.04 9.40 -1.49
C VAL A 422 -17.02 9.05 -0.37
N THR A 423 -16.53 8.94 0.86
CA THR A 423 -17.37 8.59 2.00
C THR A 423 -18.40 9.67 2.28
N ALA A 424 -17.96 10.93 2.27
CA ALA A 424 -18.86 12.04 2.51
C ALA A 424 -19.93 12.13 1.43
N ASN A 425 -19.54 11.88 0.19
CA ASN A 425 -20.46 11.93 -0.94
C ASN A 425 -21.40 10.73 -0.97
N LEU A 426 -20.97 9.60 -0.41
CA LEU A 426 -21.83 8.44 -0.29
C LEU A 426 -23.00 8.70 0.65
N GLN A 427 -22.80 9.57 1.64
CA GLN A 427 -23.86 9.93 2.57
C GLN A 427 -24.99 10.65 1.86
N SER A 428 -24.64 11.42 0.83
CA SER A 428 -25.63 12.14 0.04
C SER A 428 -26.21 11.25 -1.05
N PHE A 429 -25.37 10.35 -1.54
CA PHE A 429 -25.72 9.48 -2.66
C PHE A 429 -26.76 8.42 -2.30
N ILE A 430 -26.48 7.66 -1.24
CA ILE A 430 -27.28 6.50 -0.87
C ILE A 430 -28.79 6.77 -0.63
N PRO A 431 -29.16 7.85 0.08
CA PRO A 431 -30.60 8.09 0.25
C PRO A 431 -31.34 8.39 -1.06
N LEU A 432 -30.62 8.70 -2.13
CA LEU A 432 -31.26 8.95 -3.42
C LEU A 432 -31.35 7.66 -4.23
N VAL A 433 -30.67 6.62 -3.75
CA VAL A 433 -30.61 5.35 -4.44
C VAL A 433 -31.77 4.45 -4.04
N ASP A 434 -32.51 3.93 -5.03
CA ASP A 434 -33.63 3.05 -4.75
C ASP A 434 -33.20 1.73 -4.11
N SER A 435 -33.91 1.33 -3.06
CA SER A 435 -33.66 0.04 -2.42
CA SER A 435 -33.65 0.04 -2.42
C SER A 435 -34.11 -1.09 -3.35
N ILE A 436 -33.29 -2.12 -3.46
CA ILE A 436 -33.60 -3.23 -4.36
C ILE A 436 -33.47 -4.58 -3.65
N GLU A 437 -34.51 -5.39 -3.76
CA GLU A 437 -34.56 -6.66 -3.06
C GLU A 437 -33.84 -7.78 -3.80
N ASN A 438 -34.10 -7.90 -5.09
CA ASN A 438 -33.51 -9.00 -5.86
C ASN A 438 -33.09 -8.62 -7.28
N ARG A 439 -31.98 -9.22 -7.71
CA ARG A 439 -31.54 -9.16 -9.09
C ARG A 439 -31.26 -10.58 -9.58
N PRO A 440 -32.34 -11.36 -9.84
CA PRO A 440 -32.24 -12.79 -10.14
C PRO A 440 -31.29 -13.13 -11.27
N GLU A 441 -31.45 -12.49 -12.43
CA GLU A 441 -30.65 -12.81 -13.61
C GLU A 441 -29.18 -12.42 -13.45
N TRP A 442 -28.94 -11.21 -12.96
CA TRP A 442 -27.58 -10.69 -12.78
C TRP A 442 -26.79 -11.53 -11.78
N PHE A 443 -27.39 -11.80 -10.64
CA PHE A 443 -26.72 -12.59 -9.60
C PHE A 443 -26.64 -14.07 -9.95
N ASN A 444 -27.50 -14.52 -10.85
CA ASN A 444 -27.39 -15.87 -11.39
C ASN A 444 -26.10 -16.01 -12.20
N LYS A 445 -25.84 -15.01 -13.04
CA LYS A 445 -24.61 -14.97 -13.82
C LYS A 445 -23.38 -14.88 -12.93
N ILE A 446 -23.46 -14.01 -11.94
CA ILE A 446 -22.34 -13.76 -11.03
C ILE A 446 -21.99 -15.01 -10.24
N ASN A 447 -23.02 -15.72 -9.77
CA ASN A 447 -22.79 -16.96 -9.04
C ASN A 447 -22.22 -18.06 -9.94
N GLU A 448 -22.65 -18.06 -11.19
CA GLU A 448 -22.13 -19.01 -12.17
C GLU A 448 -20.66 -18.74 -12.45
N TRP A 449 -20.32 -17.46 -12.59
CA TRP A 449 -18.94 -17.05 -12.83
C TRP A 449 -18.03 -17.36 -11.66
N LYS A 450 -18.52 -17.11 -10.44
CA LYS A 450 -17.74 -17.39 -9.25
C LYS A 450 -17.48 -18.89 -9.12
N LYS A 451 -18.46 -19.70 -9.52
CA LYS A 451 -18.34 -21.14 -9.46
C LYS A 451 -17.29 -21.68 -10.42
N LYS A 452 -17.26 -21.14 -11.63
CA LYS A 452 -16.37 -21.65 -12.67
C LYS A 452 -14.98 -21.00 -12.63
N TYR A 453 -14.84 -19.93 -11.85
CA TYR A 453 -13.55 -19.23 -11.78
C TYR A 453 -12.95 -19.12 -10.38
N PRO A 454 -12.70 -20.26 -9.71
CA PRO A 454 -11.97 -20.14 -8.45
C PRO A 454 -10.48 -19.91 -8.70
N TYR A 455 -9.73 -19.57 -7.66
CA TYR A 455 -8.28 -19.46 -7.77
C TYR A 455 -7.65 -20.85 -7.80
N SER A 456 -7.87 -21.57 -8.88
CA SER A 456 -7.37 -22.94 -8.99
CA SER A 456 -7.38 -22.94 -9.01
C SER A 456 -5.86 -22.98 -9.24
N TYR A 457 -5.24 -24.07 -8.81
CA TYR A 457 -3.80 -24.28 -9.01
C TYR A 457 -3.49 -25.76 -8.84
N GLN A 458 -2.28 -26.16 -9.20
CA GLN A 458 -1.84 -27.55 -9.06
C GLN A 458 -1.53 -27.86 -7.60
N LEU A 459 -2.30 -28.77 -7.02
CA LEU A 459 -2.12 -29.16 -5.63
C LEU A 459 -0.83 -29.94 -5.43
N GLU A 460 -0.39 -30.02 -4.18
CA GLU A 460 0.72 -30.89 -3.80
C GLU A 460 0.49 -32.31 -4.30
N THR A 461 1.58 -33.00 -4.60
CA THR A 461 1.54 -34.41 -4.94
C THR A 461 2.51 -35.11 -3.99
N PRO A 462 2.41 -36.45 -3.86
CA PRO A 462 3.35 -37.14 -2.96
C PRO A 462 4.81 -36.82 -3.28
N GLY A 463 5.53 -36.29 -2.29
CA GLY A 463 6.94 -36.02 -2.45
C GLY A 463 7.27 -34.65 -3.00
N SER A 464 6.26 -33.93 -3.50
CA SER A 464 6.48 -32.62 -4.08
C SER A 464 6.78 -31.59 -3.00
N LEU A 465 7.31 -30.44 -3.42
CA LEU A 465 7.49 -29.32 -2.50
C LEU A 465 6.13 -28.73 -2.16
N ILE A 466 6.09 -27.92 -1.11
CA ILE A 466 4.89 -27.17 -0.76
C ILE A 466 4.56 -26.18 -1.86
N LYS A 467 3.30 -26.14 -2.27
CA LYS A 467 2.86 -25.15 -3.24
C LYS A 467 2.67 -23.82 -2.50
N PRO A 468 3.16 -22.72 -3.11
CA PRO A 468 3.06 -21.40 -2.46
C PRO A 468 1.61 -20.97 -2.20
N GLN A 469 0.69 -21.39 -3.07
CA GLN A 469 -0.72 -21.07 -2.86
C GLN A 469 -1.25 -21.73 -1.59
N THR A 470 -0.86 -22.99 -1.38
CA THR A 470 -1.28 -23.74 -0.21
C THR A 470 -0.74 -23.12 1.07
N LEU A 471 0.51 -22.64 1.01
CA LEU A 471 1.13 -21.99 2.16
C LEU A 471 0.34 -20.77 2.60
N ILE A 472 -0.04 -19.93 1.64
CA ILE A 472 -0.81 -18.72 1.93
C ILE A 472 -2.14 -19.07 2.60
N LYS A 473 -2.81 -20.10 2.06
CA LYS A 473 -4.07 -20.55 2.64
C LYS A 473 -3.90 -21.02 4.08
N GLU A 474 -2.82 -21.74 4.34
CA GLU A 474 -2.54 -22.24 5.68
C GLU A 474 -2.36 -21.09 6.67
N ILE A 475 -1.57 -20.10 6.28
CA ILE A 475 -1.33 -18.93 7.11
C ILE A 475 -2.63 -18.16 7.36
N SER A 476 -3.40 -17.96 6.30
CA SER A 476 -4.68 -17.24 6.39
C SER A 476 -5.66 -17.94 7.35
N ASP A 477 -5.77 -19.25 7.24
CA ASP A 477 -6.68 -20.01 8.09
C ASP A 477 -6.28 -19.99 9.55
N GLN A 478 -4.98 -20.18 9.82
CA GLN A 478 -4.51 -20.25 11.20
C GLN A 478 -4.47 -18.87 11.87
N ALA A 479 -4.14 -17.83 11.10
CA ALA A 479 -4.05 -16.49 11.64
C ALA A 479 -5.41 -15.99 12.12
N GLN A 480 -6.46 -16.43 11.44
CA GLN A 480 -7.81 -15.97 11.71
C GLN A 480 -8.34 -16.48 13.06
N THR A 481 -7.66 -17.45 13.64
CA THR A 481 -8.13 -18.10 14.85
C THR A 481 -7.64 -17.44 16.13
N TYR A 482 -6.80 -16.42 15.99
CA TYR A 482 -6.36 -15.65 17.15
C TYR A 482 -7.33 -14.50 17.41
N ASN A 483 -7.45 -14.09 18.67
CA ASN A 483 -8.32 -12.98 19.03
C ASN A 483 -7.58 -11.65 18.90
N LYS A 484 -6.88 -11.48 17.78
CA LYS A 484 -6.13 -10.27 17.51
C LYS A 484 -6.37 -9.83 16.07
N GLU A 485 -6.25 -8.53 15.81
CA GLU A 485 -6.26 -8.04 14.44
C GLU A 485 -5.06 -8.61 13.70
N VAL A 486 -5.23 -8.88 12.41
CA VAL A 486 -4.14 -9.41 11.61
C VAL A 486 -3.84 -8.47 10.45
N ILE A 487 -2.62 -7.95 10.44
CA ILE A 487 -2.20 -7.04 9.38
C ILE A 487 -1.14 -7.71 8.52
N VAL A 488 -1.31 -7.63 7.21
CA VAL A 488 -0.38 -8.26 6.27
C VAL A 488 0.38 -7.22 5.45
N THR A 489 1.70 -7.34 5.45
CA THR A 489 2.53 -6.61 4.51
C THR A 489 3.15 -7.62 3.55
N THR A 490 3.61 -7.14 2.40
CA THR A 490 4.24 -8.03 1.43
C THR A 490 5.46 -7.39 0.77
N GLY A 491 6.25 -8.23 0.11
CA GLY A 491 7.25 -7.76 -0.82
C GLY A 491 6.57 -7.62 -2.17
N VAL A 492 7.36 -7.68 -3.25
CA VAL A 492 6.80 -7.55 -4.58
C VAL A 492 7.17 -8.76 -5.42
N GLY A 493 6.16 -9.37 -6.04
CA GLY A 493 6.37 -10.55 -6.87
C GLY A 493 5.20 -11.50 -6.81
N GLN A 494 5.46 -12.77 -7.09
CA GLN A 494 4.41 -13.80 -7.10
C GLN A 494 3.77 -13.98 -5.71
N HIS A 495 4.61 -14.01 -4.67
CA HIS A 495 4.14 -14.17 -3.30
C HIS A 495 3.12 -13.09 -2.94
N GLN A 496 3.35 -11.89 -3.45
CA GLN A 496 2.48 -10.75 -3.23
C GLN A 496 1.09 -10.99 -3.84
N MET A 497 1.08 -11.48 -5.06
CA MET A 497 -0.17 -11.79 -5.75
C MET A 497 -0.91 -12.95 -5.10
N TRP A 498 -0.16 -13.98 -4.72
CA TRP A 498 -0.75 -15.14 -4.06
C TRP A 498 -1.30 -14.76 -2.69
N ALA A 499 -0.64 -13.82 -2.02
CA ALA A 499 -1.12 -13.29 -0.75
C ALA A 499 -2.46 -12.58 -0.97
N ALA A 500 -2.51 -11.76 -2.00
CA ALA A 500 -3.73 -11.03 -2.35
C ALA A 500 -4.88 -12.00 -2.65
N GLN A 501 -4.58 -13.04 -3.42
CA GLN A 501 -5.60 -13.99 -3.85
C GLN A 501 -6.13 -14.88 -2.73
N HIS A 502 -5.24 -15.43 -1.93
CA HIS A 502 -5.60 -16.57 -1.08
C HIS A 502 -5.83 -16.24 0.39
N PHE A 503 -5.52 -15.02 0.80
CA PHE A 503 -6.00 -14.55 2.10
C PHE A 503 -7.48 -14.22 1.97
N THR A 504 -8.22 -14.37 3.05
CA THR A 504 -9.60 -13.90 3.09
C THR A 504 -9.62 -12.55 3.79
N TRP A 505 -9.93 -11.50 3.03
CA TRP A 505 -9.83 -10.14 3.54
C TRP A 505 -11.16 -9.66 4.10
N THR A 506 -11.13 -9.12 5.31
CA THR A 506 -12.36 -8.78 6.03
C THR A 506 -12.32 -7.43 6.74
N GLN A 507 -11.13 -6.90 6.97
CA GLN A 507 -10.99 -5.67 7.74
C GLN A 507 -10.19 -4.60 7.01
N PRO A 508 -10.57 -3.33 7.19
CA PRO A 508 -9.86 -2.21 6.53
C PRO A 508 -8.45 -2.02 7.07
N ARG A 509 -7.54 -1.61 6.19
CA ARG A 509 -6.13 -1.36 6.51
C ARG A 509 -5.43 -2.59 7.08
N THR A 510 -5.64 -3.73 6.43
CA THR A 510 -4.97 -4.97 6.81
C THR A 510 -4.10 -5.50 5.67
N MET A 511 -4.23 -4.90 4.49
CA MET A 511 -3.31 -5.18 3.39
C MET A 511 -2.42 -3.97 3.16
N ILE A 512 -1.14 -4.13 3.45
CA ILE A 512 -0.19 -3.03 3.33
C ILE A 512 0.91 -3.45 2.37
N THR A 513 0.75 -3.07 1.11
CA THR A 513 1.59 -3.58 0.04
C THR A 513 1.93 -2.48 -0.96
N SER A 514 3.10 -2.60 -1.59
CA SER A 514 3.53 -1.61 -2.57
C SER A 514 2.93 -1.94 -3.94
N GLY A 515 1.96 -1.14 -4.37
CA GLY A 515 1.22 -1.45 -5.58
C GLY A 515 1.58 -0.59 -6.79
N GLY A 516 1.62 0.73 -6.59
CA GLY A 516 1.88 1.64 -7.69
C GLY A 516 3.30 1.59 -8.20
N LEU A 517 4.26 1.78 -7.29
CA LEU A 517 5.66 1.72 -7.66
C LEU A 517 6.14 0.27 -7.65
N GLY A 518 5.65 -0.52 -6.70
CA GLY A 518 6.00 -1.93 -6.62
C GLY A 518 7.43 -2.13 -6.17
N THR A 519 7.73 -1.65 -4.96
CA THR A 519 9.11 -1.67 -4.45
C THR A 519 9.45 -2.96 -3.71
N MET A 520 10.33 -3.77 -4.28
CA MET A 520 10.89 -4.90 -3.54
C MET A 520 11.63 -4.39 -2.32
N GLY A 521 11.51 -5.11 -1.20
CA GLY A 521 12.17 -4.73 0.03
C GLY A 521 11.23 -4.00 0.98
N TYR A 522 10.03 -3.71 0.47
CA TYR A 522 9.00 -2.98 1.20
C TYR A 522 8.49 -3.74 2.41
N GLY A 523 8.34 -5.05 2.25
CA GLY A 523 7.68 -5.91 3.23
C GLY A 523 8.14 -5.84 4.67
N LEU A 524 9.44 -6.00 4.89
CA LEU A 524 9.98 -6.03 6.25
C LEU A 524 9.87 -4.67 6.97
N PRO A 525 10.39 -3.58 6.37
CA PRO A 525 10.26 -2.31 7.10
C PRO A 525 8.81 -1.86 7.26
N ALA A 526 7.96 -2.12 6.26
CA ALA A 526 6.55 -1.75 6.36
C ALA A 526 5.89 -2.46 7.54
N ALA A 527 6.26 -3.72 7.73
CA ALA A 527 5.74 -4.53 8.83
C ALA A 527 6.14 -3.94 10.18
N ILE A 528 7.39 -3.49 10.27
CA ILE A 528 7.88 -2.85 11.50
C ILE A 528 7.08 -1.59 11.80
N GLY A 529 6.86 -0.78 10.78
CA GLY A 529 6.08 0.44 10.94
C GLY A 529 4.64 0.17 11.34
N ALA A 530 4.04 -0.84 10.70
CA ALA A 530 2.66 -1.21 11.02
C ALA A 530 2.55 -1.77 12.44
N GLN A 531 3.57 -2.52 12.86
CA GLN A 531 3.57 -3.12 14.19
C GLN A 531 3.70 -2.04 15.26
N VAL A 532 4.46 -0.99 14.97
CA VAL A 532 4.61 0.13 15.89
C VAL A 532 3.30 0.89 16.01
N ALA A 533 2.61 1.04 14.88
CA ALA A 533 1.31 1.70 14.85
C ALA A 533 0.26 0.87 15.60
N LYS A 534 0.37 -0.45 15.50
CA LYS A 534 -0.60 -1.36 16.11
C LYS A 534 0.10 -2.41 16.97
N PRO A 535 0.51 -2.03 18.18
CA PRO A 535 1.29 -2.90 19.07
C PRO A 535 0.59 -4.22 19.42
N ASP A 536 -0.74 -4.25 19.34
CA ASP A 536 -1.50 -5.44 19.73
C ASP A 536 -1.93 -6.29 18.54
N ALA A 537 -1.51 -5.90 17.33
CA ALA A 537 -1.88 -6.65 16.14
C ALA A 537 -0.87 -7.73 15.83
N ILE A 538 -1.33 -8.80 15.19
CA ILE A 538 -0.43 -9.75 14.56
C ILE A 538 -0.04 -9.16 13.21
N VAL A 539 1.25 -8.93 13.01
CA VAL A 539 1.70 -8.36 11.75
C VAL A 539 2.56 -9.36 10.99
N ILE A 540 2.08 -9.75 9.82
CA ILE A 540 2.74 -10.76 9.01
C ILE A 540 3.30 -10.17 7.72
N ASP A 541 4.60 -10.34 7.52
CA ASP A 541 5.23 -9.95 6.26
C ASP A 541 5.36 -11.17 5.37
N ILE A 542 4.47 -11.28 4.38
CA ILE A 542 4.58 -12.32 3.37
C ILE A 542 5.56 -11.85 2.31
N ASP A 543 6.77 -12.41 2.33
CA ASP A 543 7.86 -11.88 1.53
C ASP A 543 8.42 -12.89 0.54
N GLY A 544 9.04 -12.38 -0.52
CA GLY A 544 9.76 -13.22 -1.46
C GLY A 544 11.22 -13.27 -1.03
N ASP A 545 11.97 -14.26 -1.51
CA ASP A 545 13.36 -14.38 -1.09
C ASP A 545 14.20 -13.25 -1.69
N ALA A 546 13.94 -12.89 -2.94
CA ALA A 546 14.66 -11.80 -3.58
C ALA A 546 14.30 -10.46 -2.95
N SER A 547 13.01 -10.26 -2.68
CA SER A 547 12.54 -9.03 -2.04
C SER A 547 13.13 -8.88 -0.65
N PHE A 548 13.11 -9.96 0.13
CA PHE A 548 13.61 -9.93 1.50
C PHE A 548 15.11 -9.59 1.55
N ASN A 549 15.85 -10.08 0.56
CA ASN A 549 17.28 -9.79 0.45
C ASN A 549 17.60 -8.30 0.32
N MET A 550 16.67 -7.53 -0.22
N MET A 550 16.67 -7.54 -0.24
CA MET A 550 16.93 -6.12 -0.49
CA MET A 550 16.88 -6.12 -0.49
C MET A 550 17.04 -5.29 0.79
C MET A 550 17.08 -5.32 0.80
N THR A 551 16.30 -5.65 1.83
CA THR A 551 16.29 -4.86 3.07
C THR A 551 16.40 -5.69 4.35
N LEU A 552 16.98 -6.88 4.27
CA LEU A 552 16.98 -7.80 5.41
C LEU A 552 17.76 -7.29 6.62
N THR A 553 18.55 -6.24 6.44
CA THR A 553 19.34 -5.69 7.54
C THR A 553 18.42 -5.10 8.61
N GLU A 554 17.20 -4.76 8.23
CA GLU A 554 16.26 -4.14 9.14
C GLU A 554 15.69 -5.11 10.17
N LEU A 555 16.11 -6.38 10.13
CA LEU A 555 15.73 -7.33 11.17
C LEU A 555 16.22 -6.86 12.53
N SER A 556 17.44 -6.32 12.57
CA SER A 556 18.00 -5.76 13.80
CA SER A 556 17.97 -5.80 13.83
C SER A 556 17.14 -4.62 14.32
N SER A 557 16.58 -3.85 13.38
CA SER A 557 15.74 -2.71 13.72
C SER A 557 14.46 -3.15 14.42
N ALA A 558 13.89 -4.26 13.97
CA ALA A 558 12.68 -4.80 14.57
C ALA A 558 12.94 -5.18 16.03
N VAL A 559 14.08 -5.82 16.27
CA VAL A 559 14.46 -6.22 17.63
C VAL A 559 14.67 -5.01 18.52
N GLN A 560 15.39 -4.01 18.01
CA GLN A 560 15.71 -2.84 18.81
C GLN A 560 14.45 -2.01 19.10
N ALA A 561 13.47 -2.09 18.20
CA ALA A 561 12.23 -1.32 18.37
C ALA A 561 11.20 -2.09 19.19
N GLY A 562 11.48 -3.36 19.46
CA GLY A 562 10.57 -4.20 20.21
C GLY A 562 9.30 -4.49 19.42
N ALA A 563 9.46 -4.70 18.12
CA ALA A 563 8.34 -5.00 17.24
C ALA A 563 8.34 -6.47 16.85
N PRO A 564 7.42 -7.25 17.44
CA PRO A 564 7.38 -8.71 17.26
C PRO A 564 6.74 -9.12 15.94
N ILE A 565 7.25 -8.57 14.84
CA ILE A 565 6.77 -8.89 13.50
C ILE A 565 6.97 -10.36 13.14
N LYS A 566 6.19 -10.83 12.18
CA LYS A 566 6.30 -12.22 11.73
C LYS A 566 6.61 -12.25 10.24
N VAL A 567 7.86 -12.56 9.89
CA VAL A 567 8.27 -12.59 8.49
C VAL A 567 8.22 -14.01 7.94
N CYS A 568 7.47 -14.19 6.87
CA CYS A 568 7.44 -15.46 6.16
C CYS A 568 8.06 -15.31 4.79
N VAL A 569 9.22 -15.93 4.59
CA VAL A 569 9.88 -15.89 3.30
C VAL A 569 9.50 -17.07 2.44
N LEU A 570 8.80 -16.81 1.35
CA LEU A 570 8.50 -17.85 0.37
C LEU A 570 9.74 -18.06 -0.48
N ASN A 571 10.54 -19.06 -0.13
CA ASN A 571 11.81 -19.29 -0.78
C ASN A 571 11.68 -20.23 -1.98
N ASN A 572 11.51 -19.64 -3.17
CA ASN A 572 11.51 -20.42 -4.40
C ASN A 572 12.84 -20.26 -5.12
N GLU A 573 13.79 -19.63 -4.42
CA GLU A 573 15.16 -19.45 -4.90
C GLU A 573 15.20 -18.83 -6.29
N GLU A 574 14.28 -17.90 -6.54
CA GLU A 574 14.18 -17.25 -7.83
C GLU A 574 13.46 -15.91 -7.71
N GLN A 575 13.67 -15.05 -8.70
CA GLN A 575 12.83 -13.89 -8.88
C GLN A 575 11.61 -14.34 -9.68
N GLY A 576 10.68 -14.99 -8.98
CA GLY A 576 9.61 -15.73 -9.59
C GLY A 576 8.73 -15.00 -10.59
N MET A 577 8.38 -13.77 -10.26
CA MET A 577 7.51 -12.98 -11.13
CA MET A 577 7.52 -12.97 -11.13
C MET A 577 8.20 -12.68 -12.47
N VAL A 578 9.51 -12.45 -12.41
CA VAL A 578 10.25 -12.16 -13.63
C VAL A 578 10.49 -13.44 -14.43
N THR A 579 10.76 -14.55 -13.75
CA THR A 579 10.95 -15.82 -14.43
C THR A 579 9.63 -16.29 -15.06
N GLN A 580 8.51 -15.92 -14.45
CA GLN A 580 7.22 -16.24 -15.04
C GLN A 580 7.09 -15.58 -16.41
N TRP A 581 7.50 -14.31 -16.49
CA TRP A 581 7.45 -13.59 -17.75
C TRP A 581 8.51 -14.09 -18.73
N GLN A 582 9.64 -14.55 -18.21
CA GLN A 582 10.69 -15.09 -19.06
C GLN A 582 10.28 -16.46 -19.61
N SER A 583 9.56 -17.23 -18.80
CA SER A 583 9.00 -18.50 -19.24
C SER A 583 7.98 -18.27 -20.36
N LEU A 584 7.12 -17.27 -20.14
CA LEU A 584 5.98 -17.03 -21.02
C LEU A 584 6.35 -16.29 -22.31
N PHE A 585 7.20 -15.28 -22.20
CA PHE A 585 7.47 -14.40 -23.34
C PHE A 585 8.87 -14.56 -23.94
N TYR A 586 9.80 -15.14 -23.19
CA TYR A 586 11.18 -15.21 -23.66
C TYR A 586 11.73 -16.64 -23.71
N GLU A 587 10.83 -17.59 -23.93
CA GLU A 587 11.19 -18.98 -24.21
C GLU A 587 12.14 -19.57 -23.16
N HIS A 588 11.83 -19.32 -21.90
CA HIS A 588 12.55 -19.91 -20.76
C HIS A 588 14.02 -19.53 -20.74
N ARG A 589 14.32 -18.33 -21.22
CA ARG A 589 15.66 -17.77 -21.12
CA ARG A 589 15.66 -17.77 -21.12
C ARG A 589 15.74 -16.93 -19.85
N TYR A 590 16.18 -17.56 -18.77
CA TYR A 590 16.22 -16.90 -17.47
C TYR A 590 17.49 -16.08 -17.31
N SER A 591 17.40 -14.82 -17.71
CA SER A 591 18.53 -13.91 -17.71
C SER A 591 18.71 -13.22 -16.37
N HIS A 592 19.66 -13.71 -15.58
CA HIS A 592 20.05 -13.08 -14.32
C HIS A 592 18.89 -12.87 -13.36
N THR A 593 18.07 -13.90 -13.18
CA THR A 593 16.91 -13.80 -12.30
C THR A 593 16.99 -14.83 -11.18
N HIS A 594 18.19 -15.31 -10.90
CA HIS A 594 18.40 -16.22 -9.78
C HIS A 594 19.53 -15.73 -8.89
N GLN A 595 19.18 -14.98 -7.86
CA GLN A 595 20.16 -14.50 -6.89
C GLN A 595 20.38 -15.58 -5.84
N SER A 596 21.61 -15.66 -5.34
CA SER A 596 21.92 -16.63 -4.29
C SER A 596 21.40 -16.12 -2.96
N ASN A 597 20.81 -17.02 -2.18
CA ASN A 597 20.25 -16.65 -0.88
C ASN A 597 21.20 -16.97 0.26
N PRO A 598 21.16 -16.16 1.33
CA PRO A 598 21.89 -16.56 2.54
C PRO A 598 21.16 -17.70 3.25
N ASP A 599 21.81 -18.29 4.24
CA ASP A 599 21.14 -19.23 5.13
C ASP A 599 20.23 -18.41 6.03
N PHE A 600 18.93 -18.47 5.77
CA PHE A 600 17.98 -17.61 6.47
C PHE A 600 17.86 -17.93 7.96
N MET A 601 18.12 -19.18 8.34
CA MET A 601 18.08 -19.55 9.74
C MET A 601 19.28 -19.01 10.50
N LYS A 602 20.45 -19.10 9.90
CA LYS A 602 21.65 -18.53 10.51
C LYS A 602 21.57 -17.01 10.51
N LEU A 603 20.97 -16.45 9.47
CA LEU A 603 20.75 -15.01 9.40
C LEU A 603 19.87 -14.52 10.55
N ALA A 604 18.74 -15.19 10.73
CA ALA A 604 17.82 -14.86 11.81
C ALA A 604 18.52 -14.93 13.16
N GLU A 605 19.34 -15.96 13.34
CA GLU A 605 20.08 -16.14 14.58
C GLU A 605 21.07 -15.00 14.82
N SER A 606 21.72 -14.55 13.75
CA SER A 606 22.68 -13.46 13.84
C SER A 606 21.98 -12.15 14.20
N MET A 607 20.71 -12.05 13.82
CA MET A 607 19.93 -10.85 14.07
C MET A 607 19.17 -10.90 15.40
N ASN A 608 19.40 -11.98 16.16
CA ASN A 608 18.69 -12.22 17.42
C ASN A 608 17.18 -12.36 17.20
N VAL A 609 16.82 -13.02 16.10
CA VAL A 609 15.43 -13.29 15.76
C VAL A 609 15.17 -14.79 15.72
N LYS A 610 14.01 -15.21 16.24
CA LYS A 610 13.61 -16.61 16.18
C LYS A 610 13.54 -17.09 14.73
N GLY A 611 14.02 -18.30 14.48
CA GLY A 611 14.03 -18.84 13.14
C GLY A 611 13.29 -20.16 13.01
N ILE A 612 12.44 -20.25 12.00
CA ILE A 612 11.73 -21.49 11.70
C ILE A 612 11.88 -21.83 10.21
N ARG A 613 12.24 -23.07 9.92
CA ARG A 613 12.34 -23.49 8.52
C ARG A 613 11.42 -24.67 8.22
N ILE A 614 10.54 -24.48 7.24
CA ILE A 614 9.64 -25.53 6.78
C ILE A 614 10.12 -26.05 5.43
N THR A 615 10.48 -27.32 5.36
CA THR A 615 11.07 -27.88 4.13
C THR A 615 10.17 -28.87 3.40
N ASN A 616 9.19 -29.45 4.09
CA ASN A 616 8.30 -30.41 3.45
C ASN A 616 6.84 -30.25 3.86
N GLN A 617 5.95 -30.94 3.14
CA GLN A 617 4.51 -30.84 3.35
C GLN A 617 4.10 -31.19 4.77
N GLN A 618 4.80 -32.16 5.36
CA GLN A 618 4.43 -32.69 6.66
C GLN A 618 4.75 -31.72 7.81
N GLU A 619 5.53 -30.69 7.51
CA GLU A 619 5.90 -29.70 8.52
C GLU A 619 5.10 -28.41 8.41
N LEU A 620 4.26 -28.31 7.38
CA LEU A 620 3.57 -27.06 7.08
C LEU A 620 2.69 -26.55 8.22
N LYS A 621 1.80 -27.41 8.70
CA LYS A 621 0.82 -27.03 9.70
C LYS A 621 1.46 -26.63 11.03
N SER A 622 2.29 -27.51 11.57
CA SER A 622 2.93 -27.28 12.86
C SER A 622 3.95 -26.14 12.78
N GLY A 623 4.57 -25.97 11.62
CA GLY A 623 5.53 -24.90 11.42
C GLY A 623 4.86 -23.53 11.42
N VAL A 624 3.72 -23.44 10.75
CA VAL A 624 2.96 -22.19 10.71
C VAL A 624 2.39 -21.85 12.09
N LYS A 625 1.99 -22.88 12.84
CA LYS A 625 1.47 -22.65 14.18
CA LYS A 625 1.47 -22.67 14.18
C LYS A 625 2.54 -22.08 15.11
N GLU A 626 3.75 -22.63 15.03
CA GLU A 626 4.86 -22.14 15.83
C GLU A 626 5.18 -20.70 15.44
N PHE A 627 5.05 -20.43 14.15
CA PHE A 627 5.26 -19.11 13.57
C PHE A 627 4.32 -18.08 14.19
N LEU A 628 3.03 -18.43 14.22
CA LEU A 628 2.01 -17.52 14.72
C LEU A 628 1.96 -17.46 16.25
N ASP A 629 2.30 -18.56 16.90
CA ASP A 629 2.31 -18.61 18.37
C ASP A 629 3.44 -17.80 19.00
N ALA A 630 4.48 -17.52 18.22
CA ALA A 630 5.65 -16.80 18.72
C ALA A 630 5.29 -15.42 19.25
N THR A 631 5.92 -15.02 20.35
CA THR A 631 5.65 -13.73 20.97
C THR A 631 6.84 -12.79 20.82
N GLU A 632 7.70 -13.12 19.86
CA GLU A 632 8.92 -12.37 19.60
C GLU A 632 9.06 -12.22 18.08
N PRO A 633 9.96 -11.32 17.62
CA PRO A 633 10.19 -11.30 16.17
C PRO A 633 10.60 -12.68 15.65
N VAL A 634 10.03 -13.10 14.54
CA VAL A 634 10.27 -14.44 14.05
C VAL A 634 10.38 -14.48 12.52
N LEU A 635 11.34 -15.24 12.03
CA LEU A 635 11.55 -15.42 10.60
CA LEU A 635 11.51 -15.42 10.60
C LEU A 635 11.19 -16.86 10.22
N LEU A 636 10.17 -17.02 9.39
CA LEU A 636 9.81 -18.34 8.89
C LEU A 636 10.25 -18.49 7.45
N GLU A 637 11.11 -19.46 7.19
CA GLU A 637 11.47 -19.77 5.81
C GLU A 637 10.71 -21.00 5.35
N VAL A 638 10.05 -20.89 4.20
CA VAL A 638 9.34 -22.03 3.63
C VAL A 638 9.86 -22.35 2.25
N ILE A 639 10.33 -23.57 2.06
CA ILE A 639 10.75 -24.04 0.75
C ILE A 639 9.53 -24.36 -0.09
N VAL A 640 9.31 -23.59 -1.15
CA VAL A 640 8.13 -23.78 -1.99
C VAL A 640 8.49 -24.15 -3.42
N GLU A 641 7.51 -24.68 -4.14
CA GLU A 641 7.68 -25.10 -5.53
C GLU A 641 8.18 -23.95 -6.41
N LYS A 642 9.11 -24.25 -7.30
CA LYS A 642 9.67 -23.25 -8.21
C LYS A 642 8.97 -23.28 -9.56
N LYS A 643 9.13 -22.19 -10.31
CA LYS A 643 8.61 -22.09 -11.68
C LYS A 643 7.13 -22.41 -11.73
N VAL A 644 6.37 -21.77 -10.86
CA VAL A 644 4.92 -21.89 -10.84
C VAL A 644 4.32 -20.53 -11.16
N PRO A 645 3.47 -20.45 -12.20
CA PRO A 645 2.92 -19.15 -12.60
C PRO A 645 1.76 -18.71 -11.72
N VAL A 646 1.65 -17.39 -11.53
CA VAL A 646 0.47 -16.82 -10.92
C VAL A 646 -0.66 -16.79 -11.94
N LEU A 647 -1.77 -17.44 -11.63
CA LEU A 647 -2.94 -17.43 -12.50
C LEU A 647 -4.18 -17.18 -11.65
N PRO A 648 -5.23 -16.58 -12.26
CA PRO A 648 -5.38 -16.14 -13.65
C PRO A 648 -4.45 -15.00 -14.04
N MET A 649 -4.30 -14.77 -15.33
CA MET A 649 -3.45 -13.70 -15.82
C MET A 649 -4.04 -13.07 -17.08
N VAL A 650 -4.18 -11.74 -17.04
CA VAL A 650 -4.52 -10.99 -18.22
C VAL A 650 -3.24 -10.38 -18.78
N PRO A 651 -2.72 -10.96 -19.87
CA PRO A 651 -1.47 -10.48 -20.47
C PRO A 651 -1.62 -9.06 -20.99
N ALA A 652 -0.52 -8.32 -21.00
CA ALA A 652 -0.52 -6.95 -21.51
C ALA A 652 -1.13 -6.89 -22.91
N GLY A 653 -2.03 -5.93 -23.10
CA GLY A 653 -2.64 -5.73 -24.41
C GLY A 653 -3.95 -6.47 -24.59
N LYS A 654 -4.26 -7.38 -23.67
CA LYS A 654 -5.49 -8.16 -23.77
C LYS A 654 -6.63 -7.51 -22.99
N ALA A 655 -7.85 -7.77 -23.43
CA ALA A 655 -9.04 -7.29 -22.74
C ALA A 655 -9.12 -7.94 -21.36
N LEU A 656 -9.79 -7.27 -20.43
CA LEU A 656 -9.85 -7.71 -19.04
C LEU A 656 -10.48 -9.10 -18.90
N ASP A 657 -11.35 -9.46 -19.83
CA ASP A 657 -11.96 -10.78 -19.80
C ASP A 657 -11.30 -11.74 -20.79
N ASP A 658 -10.10 -11.38 -21.25
CA ASP A 658 -9.33 -12.26 -22.10
C ASP A 658 -8.18 -12.84 -21.28
N PHE A 659 -8.50 -13.79 -20.42
CA PHE A 659 -7.62 -14.25 -19.37
C PHE A 659 -6.95 -15.60 -19.66
N ILE A 660 -5.80 -15.83 -19.04
CA ILE A 660 -5.22 -17.17 -18.99
C ILE A 660 -5.68 -17.83 -17.70
N LEU A 661 -6.21 -19.04 -17.80
CA LEU A 661 -6.68 -19.78 -16.63
C LEU A 661 -5.77 -20.96 -16.32
N TRP A 662 -5.76 -21.39 -15.07
CA TRP A 662 -4.96 -22.56 -14.70
C TRP A 662 -5.54 -23.82 -15.33
N ASP A 663 -4.64 -24.65 -15.85
CA ASP A 663 -5.02 -25.94 -16.40
C ASP A 663 -3.93 -26.95 -16.07
N ALA A 664 -4.33 -28.06 -15.47
CA ALA A 664 -3.40 -29.08 -15.00
C ALA A 664 -2.53 -29.63 -16.13
N GLU A 665 -3.15 -29.92 -17.27
CA GLU A 665 -2.45 -30.51 -18.39
C GLU A 665 -1.48 -29.52 -19.03
N VAL A 666 -1.91 -28.27 -19.13
CA VAL A 666 -1.07 -27.22 -19.69
C VAL A 666 0.17 -26.99 -18.82
N GLU A 667 -0.03 -27.01 -17.50
CA GLU A 667 1.09 -26.84 -16.57
C GLU A 667 2.12 -27.95 -16.77
N LYS A 668 1.65 -29.19 -16.94
CA LYS A 668 2.56 -30.31 -17.14
C LYS A 668 3.34 -30.16 -18.44
N GLN A 669 2.65 -29.73 -19.48
CA GLN A 669 3.30 -29.50 -20.77
C GLN A 669 4.33 -28.38 -20.65
N GLN A 670 3.99 -27.35 -19.88
CA GLN A 670 4.90 -26.25 -19.64
C GLN A 670 6.16 -26.73 -18.92
N ASN A 671 5.98 -27.59 -17.93
CA ASN A 671 7.09 -28.18 -17.20
C ASN A 671 8.02 -28.95 -18.12
N ASP A 672 7.43 -29.76 -19.00
CA ASP A 672 8.19 -30.54 -19.97
C ASP A 672 8.99 -29.64 -20.91
N LEU A 673 8.33 -28.59 -21.42
CA LEU A 673 8.96 -27.67 -22.35
C LEU A 673 10.12 -26.94 -21.67
N ARG A 674 9.89 -26.47 -20.45
CA ARG A 674 10.91 -25.78 -19.67
C ARG A 674 12.10 -26.70 -19.41
N LYS A 675 11.81 -27.94 -19.04
CA LYS A 675 12.85 -28.92 -18.74
C LYS A 675 13.72 -29.19 -19.97
N GLU A 676 13.09 -29.33 -21.13
CA GLU A 676 13.83 -29.62 -22.36
C GLU A 676 14.67 -28.41 -22.80
N ARG A 677 14.06 -27.23 -22.78
CA ARG A 677 14.74 -26.01 -23.23
C ARG A 677 15.94 -25.66 -22.37
N THR A 678 15.87 -25.96 -21.08
CA THR A 678 16.96 -25.62 -20.16
C THR A 678 17.87 -26.80 -19.90
N GLY A 679 17.67 -27.89 -20.65
CA GLY A 679 18.49 -29.08 -20.50
C GLY A 679 18.34 -29.73 -19.14
N GLY A 680 17.16 -29.56 -18.54
CA GLY A 680 16.86 -30.15 -17.25
C GLY A 680 17.31 -29.31 -16.06
N LYS A 681 17.72 -28.07 -16.33
CA LYS A 681 18.24 -27.21 -15.28
C LYS A 681 17.12 -26.58 -14.44
N TYR A 682 15.96 -26.38 -15.06
CA TYR A 682 14.85 -25.71 -14.38
C TYR A 682 13.55 -26.49 -14.50
#